data_5E9C
#
_entry.id   5E9C
#
_cell.length_a   46.220
_cell.length_b   71.120
_cell.length_c   78.600
_cell.angle_alpha   90.00
_cell.angle_beta   95.23
_cell.angle_gamma   90.00
#
_symmetry.space_group_name_H-M   'P 1 21 1'
#
loop_
_entity.id
_entity.type
_entity.pdbx_description
1 polymer Heparanase
2 polymer Heparanase
3 branched '4-deoxy-2-O-sulfo-alpha-L-threo-hex-4-enopyranuronic acid-(1-4)-2-deoxy-6-O-sulfo-2-(sulfoamino)-alpha-D-glucopyranose-(1-4)-alpha-L-idopyranuronic acid-(1-4)-2-deoxy-6-O-sulfo-2-(sulfoamino)-beta-D-glucopyranose'
4 non-polymer 2-acetamido-2-deoxy-beta-D-glucopyranose
5 non-polymer 'CHLORIDE ION'
6 non-polymer 'SULFATE ION'
7 water water
#
loop_
_entity_poly.entity_id
_entity_poly.type
_entity_poly.pdbx_seq_one_letter_code
_entity_poly.pdbx_strand_id
1 'polypeptide(L)'
;DPGKKFKNSTYSRSSVDVLYTFANCSGLDLIFGLNALLRTADLQWNSSNAQLLLDYCSSKGYNISWELGNEPNSFLKKAD
IFINGSQLGEDFIQLHKLLRKSTFKNAKLYGPDVGQPRRKTAKMLKSFLKAGGEVIDSVTWHHYYLNGRTATREDFLNPD
VLDIFISSVQKVFQVVESTRPGKKVWLGETSSAYGGGAPLLSDTFAAGFMWLDKLGLSARMGIEVVMRQVFFGAGNYHLV
DENFDPLPDYWLSLLFKKLVGTKVLMASVQGSKRRKLRVYLHCTNTDNPRYKEGDLTLYAINLHNVTKYLRLPYPFSNKQ
VDKYLLRPLGPHGLLSKSVQLNGLTLKMVDDQTLPPLMEKPLRPGSSLGLPAFSYSFFVIRNAKVAACI
;
A
2 'polypeptide(L)' DPGQDVVDLDFFTQEPLHLVSPSFLSVTIDANLATDPRFLILLGSPKLRTLARGLSPAYLRFGGTKTDFLIFDPKKE B
#
loop_
_chem_comp.id
_chem_comp.type
_chem_comp.name
_chem_comp.formula
5KV D-saccharide, beta linking 2-deoxy-6-O-sulfo-2-(sulfoamino)-beta-D-glucopyranose 'C6 H13 N O11 S2'
CL non-polymer 'CHLORIDE ION' 'Cl -1'
IDR L-saccharide, alpha linking 'alpha-L-idopyranuronic acid' 'C6 H10 O7'
NAG D-saccharide, beta linking 2-acetamido-2-deoxy-beta-D-glucopyranose 'C8 H15 N O6'
SGN D-saccharide, alpha linking 2-deoxy-6-O-sulfo-2-(sulfoamino)-alpha-D-glucopyranose 'C6 H13 N O11 S2'
SO4 non-polymer 'SULFATE ION' 'O4 S -2'
UAP L-saccharide, alpha linking '4-deoxy-2-O-sulfo-alpha-L-threo-hex-4-enopyranuronic acid' 'C6 H8 O9 S'
#
# COMPACT_ATOMS: atom_id res chain seq x y z
N LYS A 5 13.81 2.58 -24.52
CA LYS A 5 14.34 2.38 -23.14
C LYS A 5 13.94 1.04 -22.49
N PHE A 6 12.88 0.39 -22.99
CA PHE A 6 12.41 -0.92 -22.45
C PHE A 6 12.58 -2.08 -23.43
N LYS A 7 13.49 -2.99 -23.09
CA LYS A 7 13.76 -4.20 -23.87
C LYS A 7 12.99 -5.37 -23.26
N ASN A 8 12.56 -6.29 -24.13
CA ASN A 8 12.07 -7.57 -23.69
C ASN A 8 13.12 -8.38 -22.94
N SER A 9 12.70 -9.09 -21.90
CA SER A 9 13.56 -10.07 -21.28
C SER A 9 12.73 -11.26 -20.82
N THR A 10 13.40 -12.34 -20.45
CA THR A 10 12.72 -13.54 -20.09
C THR A 10 12.94 -13.86 -18.64
N TYR A 11 12.03 -14.64 -18.07
CA TYR A 11 12.16 -15.17 -16.74
C TYR A 11 11.82 -16.63 -16.77
N SER A 12 12.27 -17.35 -15.76
CA SER A 12 12.27 -18.80 -15.78
C SER A 12 11.32 -19.39 -14.73
N ARG A 13 11.09 -20.70 -14.81
CA ARG A 13 10.42 -21.46 -13.75
C ARG A 13 11.08 -21.23 -12.39
N SER A 14 12.40 -21.22 -12.35
CA SER A 14 13.13 -20.89 -11.12
C SER A 14 12.65 -19.57 -10.47
N SER A 15 12.56 -18.52 -11.28
CA SER A 15 12.14 -17.18 -10.81
C SER A 15 10.72 -17.21 -10.23
N VAL A 16 9.80 -17.84 -10.96
CA VAL A 16 8.45 -18.04 -10.49
C VAL A 16 8.46 -18.73 -9.14
N ASP A 17 9.24 -19.80 -9.00
CA ASP A 17 9.35 -20.53 -7.73
C ASP A 17 9.92 -19.66 -6.59
N VAL A 18 10.93 -18.87 -6.88
CA VAL A 18 11.56 -17.95 -5.91
C VAL A 18 10.48 -17.01 -5.37
N LEU A 19 9.73 -16.45 -6.29
CA LEU A 19 8.66 -15.50 -5.93
C LEU A 19 7.54 -16.12 -5.11
N TYR A 20 7.04 -17.27 -5.54
CA TYR A 20 5.97 -17.88 -4.84
C TYR A 20 6.40 -18.32 -3.45
N THR A 21 7.60 -18.89 -3.33
CA THR A 21 8.03 -19.43 -2.04
C THR A 21 8.29 -18.32 -1.04
N PHE A 22 8.80 -17.19 -1.53
CA PHE A 22 8.94 -15.97 -0.74
C PHE A 22 7.59 -15.56 -0.18
N ALA A 23 6.55 -15.48 -1.04
CA ALA A 23 5.22 -15.12 -0.56
C ALA A 23 4.62 -16.17 0.40
N ASN A 24 4.72 -17.44 0.01
CA ASN A 24 4.15 -18.54 0.78
C ASN A 24 4.75 -18.63 2.18
N CYS A 25 6.07 -18.60 2.29
CA CYS A 25 6.77 -18.67 3.59
C CYS A 25 6.57 -17.43 4.43
N SER A 26 6.12 -16.36 3.81
CA SER A 26 5.90 -15.08 4.50
C SER A 26 4.48 -14.83 4.91
N GLY A 27 3.55 -15.68 4.53
CA GLY A 27 2.14 -15.48 4.77
C GLY A 27 1.53 -14.38 3.90
N LEU A 28 2.10 -14.13 2.73
CA LEU A 28 1.54 -13.11 1.80
C LEU A 28 0.82 -13.76 0.62
N ASP A 29 -0.13 -13.03 0.05
CA ASP A 29 -0.93 -13.57 -1.09
C ASP A 29 -0.41 -12.95 -2.40
N LEU A 30 0.08 -13.79 -3.33
CA LEU A 30 0.78 -13.30 -4.49
C LEU A 30 -0.18 -12.88 -5.60
N ILE A 31 0.04 -11.67 -6.13
CA ILE A 31 -0.66 -11.20 -7.31
C ILE A 31 0.39 -10.98 -8.37
N PHE A 32 0.24 -11.64 -9.53
CA PHE A 32 1.24 -11.66 -10.57
C PHE A 32 0.77 -10.93 -11.80
N GLY A 33 1.53 -9.93 -12.25
CA GLY A 33 1.16 -9.12 -13.42
C GLY A 33 1.60 -9.79 -14.73
N LEU A 34 0.64 -10.08 -15.60
CA LEU A 34 0.93 -10.67 -16.91
C LEU A 34 1.21 -9.60 -17.95
N ASN A 35 1.96 -9.97 -18.96
CA ASN A 35 2.35 -9.08 -20.07
C ASN A 35 1.25 -8.78 -21.07
N ALA A 36 0.77 -7.53 -21.09
CA ALA A 36 -0.31 -7.14 -21.97
C ALA A 36 0.09 -6.65 -23.38
N LEU A 37 1.40 -6.58 -23.65
CA LEU A 37 1.95 -6.02 -24.91
C LEU A 37 2.27 -7.11 -25.94
N LEU A 38 2.00 -8.36 -25.57
CA LEU A 38 1.97 -9.48 -26.52
C LEU A 38 0.66 -9.41 -27.32
N ARG A 39 0.80 -9.04 -28.60
CA ARG A 39 -0.32 -8.65 -29.47
C ARG A 39 -0.38 -9.48 -30.77
N THR A 40 -1.58 -9.82 -31.24
CA THR A 40 -1.75 -10.42 -32.59
C THR A 40 -1.73 -9.31 -33.66
N ALA A 41 -1.70 -9.70 -34.94
CA ALA A 41 -1.72 -8.70 -36.05
C ALA A 41 -3.02 -7.86 -36.06
N ASP A 42 -4.09 -8.45 -35.55
CA ASP A 42 -5.36 -7.76 -35.29
C ASP A 42 -5.32 -6.76 -34.09
N LEU A 43 -4.21 -6.72 -33.35
CA LEU A 43 -4.09 -5.95 -32.11
C LEU A 43 -4.89 -6.48 -30.92
N GLN A 44 -5.26 -7.76 -30.96
CA GLN A 44 -5.81 -8.48 -29.81
C GLN A 44 -4.69 -8.95 -28.90
N TRP A 45 -5.00 -9.20 -27.64
CA TRP A 45 -3.97 -9.76 -26.74
C TRP A 45 -3.71 -11.19 -27.21
N ASN A 46 -2.45 -11.52 -27.37
CA ASN A 46 -2.01 -12.89 -27.58
C ASN A 46 -1.76 -13.56 -26.21
N SER A 47 -2.64 -14.46 -25.86
CA SER A 47 -2.63 -15.16 -24.58
C SER A 47 -1.70 -16.35 -24.43
N SER A 48 -0.93 -16.67 -25.47
CA SER A 48 -0.19 -17.95 -25.50
C SER A 48 0.88 -18.09 -24.41
N ASN A 49 1.60 -17.01 -24.15
CA ASN A 49 2.62 -17.06 -23.12
C ASN A 49 1.98 -17.14 -21.71
N ALA A 50 0.93 -16.34 -21.49
CA ALA A 50 0.17 -16.43 -20.24
C ALA A 50 -0.34 -17.85 -20.05
N GLN A 51 -0.77 -18.50 -21.12
CA GLN A 51 -1.21 -19.90 -21.00
C GLN A 51 -0.10 -20.79 -20.48
N LEU A 52 1.10 -20.59 -20.97
CA LEU A 52 2.23 -21.39 -20.49
C LEU A 52 2.44 -21.20 -18.98
N LEU A 53 2.43 -19.94 -18.56
CA LEU A 53 2.60 -19.64 -17.15
C LEU A 53 1.45 -20.19 -16.30
N LEU A 54 0.21 -20.04 -16.74
CA LEU A 54 -0.91 -20.54 -15.98
C LEU A 54 -0.80 -22.05 -15.77
N ASP A 55 -0.44 -22.78 -16.83
CA ASP A 55 -0.37 -24.24 -16.76
C ASP A 55 0.75 -24.63 -15.82
N TYR A 56 1.90 -23.95 -15.91
CA TYR A 56 2.99 -24.22 -14.99
C TYR A 56 2.59 -24.01 -13.54
N CYS A 57 2.07 -22.83 -13.23
CA CYS A 57 1.58 -22.55 -11.88
C CYS A 57 0.56 -23.56 -11.38
N SER A 58 -0.40 -23.91 -12.24
CA SER A 58 -1.41 -24.95 -11.91
C SER A 58 -0.77 -26.28 -11.54
N SER A 59 0.25 -26.67 -12.32
CA SER A 59 1.00 -27.92 -12.10
C SER A 59 1.82 -27.93 -10.80
N LYS A 60 2.18 -26.76 -10.26
CA LYS A 60 2.86 -26.73 -8.96
C LYS A 60 1.92 -26.51 -7.79
N GLY A 61 0.64 -26.31 -8.06
CA GLY A 61 -0.33 -26.10 -7.05
C GLY A 61 -0.24 -24.71 -6.42
N TYR A 62 0.15 -23.71 -7.21
CA TYR A 62 0.33 -22.34 -6.68
C TYR A 62 -0.99 -21.56 -6.68
N ASN A 63 -1.46 -21.11 -5.52
CA ASN A 63 -2.64 -20.23 -5.44
C ASN A 63 -2.19 -18.78 -5.71
N ILE A 64 -2.59 -18.25 -6.86
CA ILE A 64 -2.04 -16.96 -7.33
C ILE A 64 -3.24 -16.17 -7.91
N SER A 65 -3.23 -14.85 -7.69
CA SER A 65 -4.14 -13.92 -8.31
C SER A 65 -3.41 -13.20 -9.42
N TRP A 66 -4.16 -12.65 -10.37
CA TRP A 66 -3.60 -12.17 -11.63
C TRP A 66 -3.95 -10.73 -11.90
N GLU A 67 -3.03 -10.03 -12.59
CA GLU A 67 -3.30 -8.73 -13.24
C GLU A 67 -2.84 -8.85 -14.66
N LEU A 68 -3.25 -7.93 -15.50
CA LEU A 68 -2.78 -7.94 -16.88
C LEU A 68 -2.50 -6.52 -17.30
N GLY A 69 -1.23 -6.24 -17.57
CA GLY A 69 -0.79 -4.92 -17.93
C GLY A 69 -0.51 -4.04 -16.71
N ASN A 70 0.36 -3.06 -16.93
CA ASN A 70 0.71 -2.07 -15.93
C ASN A 70 0.70 -0.72 -16.64
N GLU A 71 -0.06 0.22 -16.10
CA GLU A 71 -0.14 1.54 -16.67
C GLU A 71 -0.35 1.52 -18.18
N PRO A 72 -1.48 0.95 -18.63
CA PRO A 72 -1.75 0.88 -20.07
C PRO A 72 -1.98 2.26 -20.69
N ASN A 73 -2.31 3.24 -19.86
CA ASN A 73 -2.34 4.62 -20.33
C ASN A 73 -1.03 5.14 -20.92
N SER A 74 0.10 4.53 -20.53
CA SER A 74 1.47 4.90 -20.94
C SER A 74 2.03 3.99 -22.06
N PHE A 75 1.27 3.03 -22.57
CA PHE A 75 1.82 2.12 -23.61
C PHE A 75 2.38 2.82 -24.86
N LEU A 76 1.70 3.86 -25.33
CA LEU A 76 2.20 4.59 -26.52
C LEU A 76 3.61 5.18 -26.26
N LYS A 77 3.80 5.85 -25.13
CA LYS A 77 5.12 6.31 -24.73
C LYS A 77 6.16 5.17 -24.51
N LYS A 78 5.77 4.09 -23.86
CA LYS A 78 6.71 3.01 -23.46
C LYS A 78 7.03 2.07 -24.60
N ALA A 79 6.07 1.85 -25.48
CA ALA A 79 6.20 0.84 -26.51
C ALA A 79 5.72 1.27 -27.89
N ASP A 80 5.35 2.54 -28.09
CA ASP A 80 4.71 3.02 -29.35
C ASP A 80 3.51 2.22 -29.88
N ILE A 81 2.74 1.64 -28.97
CA ILE A 81 1.55 0.86 -29.29
C ILE A 81 0.43 1.54 -28.50
N PHE A 82 -0.67 1.86 -29.14
CA PHE A 82 -1.85 2.34 -28.42
C PHE A 82 -2.93 1.26 -28.33
N ILE A 83 -3.31 0.91 -27.11
CA ILE A 83 -4.41 -0.03 -26.84
C ILE A 83 -5.49 0.75 -26.15
N ASN A 84 -6.67 0.85 -26.75
CA ASN A 84 -7.74 1.62 -26.07
C ASN A 84 -8.38 0.79 -24.95
N GLY A 85 -9.15 1.45 -24.08
CA GLY A 85 -9.74 0.77 -22.93
C GLY A 85 -10.71 -0.36 -23.26
N SER A 86 -11.49 -0.15 -24.32
CA SER A 86 -12.41 -1.21 -24.83
C SER A 86 -11.68 -2.49 -25.17
N GLN A 87 -10.63 -2.36 -25.96
CA GLN A 87 -9.77 -3.50 -26.32
C GLN A 87 -9.14 -4.15 -25.11
N LEU A 88 -8.65 -3.34 -24.18
CA LEU A 88 -8.10 -3.88 -22.96
C LEU A 88 -9.14 -4.67 -22.18
N GLY A 89 -10.36 -4.15 -22.13
CA GLY A 89 -11.45 -4.82 -21.50
C GLY A 89 -11.69 -6.21 -22.11
N GLU A 90 -11.67 -6.29 -23.43
CA GLU A 90 -11.84 -7.59 -24.15
C GLU A 90 -10.68 -8.54 -23.81
N ASP A 91 -9.48 -8.01 -23.69
CA ASP A 91 -8.32 -8.81 -23.27
C ASP A 91 -8.50 -9.41 -21.88
N PHE A 92 -9.05 -8.63 -20.94
CA PHE A 92 -9.39 -9.17 -19.62
C PHE A 92 -10.46 -10.26 -19.66
N ILE A 93 -11.46 -10.09 -20.49
CA ILE A 93 -12.46 -11.13 -20.70
C ILE A 93 -11.75 -12.41 -21.15
N GLN A 94 -10.80 -12.31 -22.09
CA GLN A 94 -10.08 -13.53 -22.56
C GLN A 94 -9.24 -14.16 -21.45
N LEU A 95 -8.57 -13.32 -20.62
CA LEU A 95 -7.82 -13.88 -19.52
C LEU A 95 -8.75 -14.59 -18.53
N HIS A 96 -9.91 -13.98 -18.25
CA HIS A 96 -10.85 -14.55 -17.30
C HIS A 96 -11.32 -15.96 -17.80
N LYS A 97 -11.53 -16.11 -19.10
CA LYS A 97 -11.92 -17.44 -19.66
C LYS A 97 -10.83 -18.48 -19.42
N LEU A 98 -9.57 -18.11 -19.62
CA LEU A 98 -8.44 -18.99 -19.26
C LEU A 98 -8.40 -19.36 -17.80
N LEU A 99 -8.60 -18.39 -16.91
CA LEU A 99 -8.62 -18.73 -15.50
C LEU A 99 -9.72 -19.69 -15.09
N ARG A 100 -10.92 -19.47 -15.65
CA ARG A 100 -12.09 -20.33 -15.39
C ARG A 100 -11.85 -21.77 -15.88
N LYS A 101 -10.97 -21.94 -16.87
CA LYS A 101 -10.57 -23.28 -17.40
C LYS A 101 -9.37 -23.89 -16.70
N SER A 102 -8.79 -23.19 -15.74
CA SER A 102 -7.57 -23.61 -15.10
C SER A 102 -7.95 -24.43 -13.86
N THR A 103 -6.95 -24.98 -13.20
CA THR A 103 -7.10 -25.70 -11.91
C THR A 103 -7.65 -24.84 -10.78
N PHE A 104 -7.42 -23.53 -10.83
CA PHE A 104 -7.92 -22.55 -9.84
C PHE A 104 -8.95 -21.72 -10.58
N LYS A 105 -10.13 -22.30 -10.70
CA LYS A 105 -11.21 -21.73 -11.49
C LYS A 105 -11.81 -20.48 -10.87
N ASN A 106 -11.60 -20.30 -9.57
CA ASN A 106 -12.09 -19.12 -8.87
C ASN A 106 -10.98 -18.08 -8.61
N ALA A 107 -9.81 -18.21 -9.26
CA ALA A 107 -8.70 -17.26 -9.07
C ALA A 107 -9.20 -15.85 -9.40
N LYS A 108 -8.64 -14.87 -8.70
CA LYS A 108 -9.07 -13.48 -8.81
C LYS A 108 -8.22 -12.77 -9.86
N LEU A 109 -8.82 -11.72 -10.40
CA LEU A 109 -8.29 -10.96 -11.50
C LEU A 109 -8.53 -9.51 -11.18
N TYR A 110 -7.47 -8.72 -11.23
CA TYR A 110 -7.53 -7.30 -10.89
C TYR A 110 -7.00 -6.48 -12.03
N GLY A 111 -7.45 -5.24 -12.15
CA GLY A 111 -6.99 -4.39 -13.21
C GLY A 111 -7.80 -3.10 -13.20
N PRO A 112 -7.47 -2.17 -14.09
CA PRO A 112 -6.43 -2.28 -15.10
C PRO A 112 -5.05 -1.67 -14.77
N ASP A 113 -4.86 -1.23 -13.54
CA ASP A 113 -3.58 -0.73 -13.08
C ASP A 113 -3.22 0.52 -13.88
N VAL A 114 -4.19 1.38 -14.03
CA VAL A 114 -3.95 2.70 -14.65
C VAL A 114 -3.28 3.66 -13.67
N GLY A 115 -2.60 4.63 -14.24
CA GLY A 115 -2.04 5.71 -13.46
C GLY A 115 -3.16 6.60 -12.93
N GLN A 116 -2.76 7.66 -12.29
CA GLN A 116 -3.73 8.52 -11.66
C GLN A 116 -4.61 9.24 -12.70
N PRO A 117 -5.84 9.64 -12.32
CA PRO A 117 -6.89 9.88 -13.30
C PRO A 117 -6.94 11.28 -13.95
N ARG A 118 -5.88 11.64 -14.63
CA ARG A 118 -5.90 12.66 -15.69
C ARG A 118 -6.94 12.36 -16.78
N ARG A 119 -7.34 13.39 -17.52
CA ARG A 119 -8.45 13.29 -18.47
C ARG A 119 -8.37 12.05 -19.37
N LYS A 120 -7.21 11.83 -19.96
CA LYS A 120 -7.06 10.68 -20.86
C LYS A 120 -7.05 9.32 -20.16
N THR A 121 -6.46 9.26 -19.00
CA THR A 121 -6.49 8.04 -18.20
C THR A 121 -7.90 7.76 -17.72
N ALA A 122 -8.63 8.81 -17.31
CA ALA A 122 -10.02 8.63 -16.85
C ALA A 122 -10.92 8.04 -17.94
N LYS A 123 -10.72 8.49 -19.16
CA LYS A 123 -11.48 8.01 -20.30
C LYS A 123 -11.09 6.55 -20.59
N MET A 124 -9.81 6.21 -20.52
CA MET A 124 -9.41 4.80 -20.69
C MET A 124 -9.97 3.91 -19.58
N LEU A 125 -9.96 4.37 -18.34
CA LEU A 125 -10.53 3.57 -17.25
C LEU A 125 -12.07 3.33 -17.45
N LYS A 126 -12.76 4.39 -17.85
CA LYS A 126 -14.19 4.34 -18.11
C LYS A 126 -14.54 3.32 -19.22
N SER A 127 -13.85 3.41 -20.33
CA SER A 127 -14.15 2.49 -21.44
C SER A 127 -13.71 1.05 -21.09
N PHE A 128 -12.62 0.90 -20.33
CA PHE A 128 -12.21 -0.38 -19.82
C PHE A 128 -13.29 -1.01 -18.93
N LEU A 129 -13.84 -0.20 -18.02
CA LEU A 129 -14.79 -0.77 -17.03
C LEU A 129 -16.11 -1.12 -17.75
N LYS A 130 -16.48 -0.33 -18.75
CA LYS A 130 -17.67 -0.64 -19.56
C LYS A 130 -17.55 -1.98 -20.27
N ALA A 131 -16.39 -2.23 -20.86
CA ALA A 131 -16.08 -3.47 -21.58
C ALA A 131 -15.74 -4.67 -20.66
N GLY A 132 -14.76 -4.49 -19.77
CA GLY A 132 -14.20 -5.62 -18.97
C GLY A 132 -14.51 -5.65 -17.49
N GLY A 133 -15.27 -4.66 -17.02
CA GLY A 133 -15.55 -4.55 -15.59
C GLY A 133 -16.24 -5.74 -14.93
N GLU A 134 -17.02 -6.51 -15.70
CA GLU A 134 -17.74 -7.62 -15.10
C GLU A 134 -16.82 -8.71 -14.58
N VAL A 135 -15.63 -8.84 -15.16
CA VAL A 135 -14.76 -9.93 -14.78
C VAL A 135 -13.64 -9.55 -13.80
N ILE A 136 -13.48 -8.27 -13.47
CA ILE A 136 -12.47 -7.93 -12.47
C ILE A 136 -13.08 -7.97 -11.07
N ASP A 137 -12.27 -8.39 -10.13
CA ASP A 137 -12.69 -8.51 -8.77
C ASP A 137 -12.49 -7.19 -7.99
N SER A 138 -11.54 -6.39 -8.43
CA SER A 138 -11.36 -5.03 -7.89
C SER A 138 -10.73 -4.19 -8.96
N VAL A 139 -10.99 -2.90 -8.90
CA VAL A 139 -10.39 -1.93 -9.79
C VAL A 139 -9.08 -1.41 -9.19
N THR A 140 -8.01 -1.47 -9.95
CA THR A 140 -6.68 -1.05 -9.48
C THR A 140 -6.21 0.20 -10.20
N TRP A 141 -5.61 1.12 -9.44
CA TRP A 141 -5.02 2.29 -10.02
C TRP A 141 -3.81 2.68 -9.17
N HIS A 142 -2.98 3.58 -9.70
CA HIS A 142 -1.70 3.92 -9.10
C HIS A 142 -1.62 5.39 -8.76
N HIS A 143 -0.86 5.71 -7.72
CA HIS A 143 -0.68 7.10 -7.32
C HIS A 143 0.71 7.38 -6.78
N TYR A 144 1.29 8.47 -7.24
CA TYR A 144 2.53 9.00 -6.66
C TYR A 144 2.29 10.50 -6.50
N TYR A 145 2.75 11.12 -5.42
CA TYR A 145 2.57 12.55 -5.27
C TYR A 145 3.47 13.39 -6.21
N LEU A 146 4.73 12.98 -6.37
CA LEU A 146 5.79 13.82 -6.95
C LEU A 146 6.74 13.03 -7.87
N ASN A 147 7.41 13.75 -8.75
CA ASN A 147 8.56 13.21 -9.48
C ASN A 147 9.77 13.13 -8.54
N GLY A 148 10.33 11.93 -8.34
CA GLY A 148 11.52 11.79 -7.43
C GLY A 148 12.73 12.67 -7.79
N ARG A 149 12.89 12.92 -9.08
CA ARG A 149 14.01 13.75 -9.54
C ARG A 149 14.00 15.20 -9.07
N THR A 150 12.82 15.79 -8.86
CA THR A 150 12.70 17.21 -8.44
C THR A 150 12.06 17.42 -7.06
N ALA A 151 11.65 16.34 -6.42
CA ALA A 151 10.97 16.47 -5.12
C ALA A 151 11.91 17.13 -4.13
N THR A 152 11.36 17.97 -3.27
CA THR A 152 12.11 18.64 -2.22
C THR A 152 11.65 18.16 -0.88
N ARG A 153 12.47 18.44 0.12
CA ARG A 153 12.08 18.22 1.52
C ARG A 153 10.81 18.93 1.92
N GLU A 154 10.67 20.16 1.43
CA GLU A 154 9.51 20.94 1.76
C GLU A 154 8.22 20.31 1.21
N ASP A 155 8.32 19.63 0.09
CA ASP A 155 7.16 18.96 -0.55
C ASP A 155 6.67 17.80 0.34
N PHE A 156 7.62 17.08 0.93
CA PHE A 156 7.29 15.96 1.83
C PHE A 156 6.56 16.37 3.09
N LEU A 157 6.66 17.64 3.48
CA LEU A 157 6.04 18.16 4.66
C LEU A 157 4.87 19.12 4.39
N ASN A 158 4.47 19.25 3.13
CA ASN A 158 3.52 20.28 2.72
C ASN A 158 2.10 19.71 2.65
N PRO A 159 1.17 20.17 3.52
CA PRO A 159 -0.20 19.69 3.40
C PRO A 159 -0.86 20.01 2.07
N ASP A 160 -0.42 21.00 1.31
CA ASP A 160 -1.01 21.21 0.00
C ASP A 160 -0.65 20.10 -0.98
N VAL A 161 0.52 19.52 -0.83
CA VAL A 161 0.91 18.31 -1.55
C VAL A 161 0.14 17.08 -1.06
N LEU A 162 0.02 16.88 0.24
CA LEU A 162 -0.74 15.77 0.78
C LEU A 162 -2.19 15.80 0.28
N ASP A 163 -2.77 17.00 0.23
CA ASP A 163 -4.16 17.15 -0.18
C ASP A 163 -4.49 16.82 -1.60
N ILE A 164 -3.50 16.80 -2.52
CA ILE A 164 -3.81 16.47 -3.92
C ILE A 164 -4.32 15.05 -4.11
N PHE A 165 -3.96 14.16 -3.19
CA PHE A 165 -4.41 12.79 -3.22
C PHE A 165 -5.95 12.70 -3.15
N ILE A 166 -6.57 13.59 -2.42
CA ILE A 166 -8.02 13.54 -2.21
C ILE A 166 -8.75 13.67 -3.52
N SER A 167 -8.36 14.66 -4.33
CA SER A 167 -8.96 14.82 -5.64
C SER A 167 -8.77 13.66 -6.62
N SER A 168 -7.63 12.98 -6.61
CA SER A 168 -7.48 11.78 -7.45
C SER A 168 -8.43 10.69 -7.00
N VAL A 169 -8.55 10.49 -5.70
CA VAL A 169 -9.41 9.43 -5.19
C VAL A 169 -10.87 9.74 -5.64
N GLN A 170 -11.30 10.98 -5.44
CA GLN A 170 -12.65 11.34 -5.82
C GLN A 170 -12.91 11.11 -7.30
N LYS A 171 -11.96 11.41 -8.17
CA LYS A 171 -12.12 11.17 -9.61
C LYS A 171 -12.24 9.69 -9.96
N VAL A 172 -11.42 8.85 -9.33
CA VAL A 172 -11.54 7.41 -9.56
C VAL A 172 -12.92 6.89 -9.19
N PHE A 173 -13.41 7.26 -8.01
CA PHE A 173 -14.73 6.82 -7.62
C PHE A 173 -15.82 7.39 -8.53
N GLN A 174 -15.67 8.61 -9.01
CA GLN A 174 -16.65 9.15 -9.96
C GLN A 174 -16.72 8.26 -11.20
N VAL A 175 -15.58 7.77 -11.69
CA VAL A 175 -15.56 6.91 -12.88
C VAL A 175 -16.17 5.55 -12.59
N VAL A 176 -15.78 4.96 -11.45
CA VAL A 176 -16.28 3.63 -11.09
C VAL A 176 -17.81 3.69 -10.86
N GLU A 177 -18.30 4.69 -10.11
N GLU A 177 -18.29 4.71 -10.14
CA GLU A 177 -19.74 4.79 -9.80
CA GLU A 177 -19.73 4.82 -9.83
C GLU A 177 -20.61 5.10 -11.04
C GLU A 177 -20.61 5.11 -11.04
N SER A 178 -20.01 5.62 -12.11
CA SER A 178 -20.71 5.85 -13.35
C SER A 178 -20.78 4.58 -14.20
N THR A 179 -20.02 3.53 -13.88
CA THR A 179 -19.87 2.34 -14.77
C THR A 179 -20.09 0.99 -14.09
N ARG A 180 -19.49 0.80 -12.91
CA ARG A 180 -19.61 -0.45 -12.16
C ARG A 180 -19.83 -0.13 -10.70
N PRO A 181 -21.01 0.43 -10.37
CA PRO A 181 -21.28 0.85 -9.01
C PRO A 181 -21.04 -0.22 -7.97
N GLY A 182 -20.39 0.11 -6.85
CA GLY A 182 -20.13 -0.88 -5.81
C GLY A 182 -18.87 -1.73 -5.96
N LYS A 183 -18.21 -1.70 -7.10
CA LYS A 183 -17.00 -2.50 -7.31
C LYS A 183 -15.93 -1.94 -6.37
N LYS A 184 -15.16 -2.82 -5.74
CA LYS A 184 -14.08 -2.40 -4.81
C LYS A 184 -12.98 -1.69 -5.59
N VAL A 185 -12.35 -0.71 -4.96
CA VAL A 185 -11.28 0.07 -5.56
C VAL A 185 -10.03 -0.11 -4.67
N TRP A 186 -8.93 -0.53 -5.31
CA TRP A 186 -7.60 -0.74 -4.70
C TRP A 186 -6.58 0.23 -5.30
N LEU A 187 -5.68 0.74 -4.45
CA LEU A 187 -4.49 1.33 -4.89
C LEU A 187 -3.45 0.25 -5.10
N GLY A 188 -3.21 -0.07 -6.36
CA GLY A 188 -2.43 -1.21 -6.78
C GLY A 188 -0.95 -0.99 -6.80
N GLU A 189 -0.51 0.27 -6.71
CA GLU A 189 0.92 0.57 -6.60
C GLU A 189 0.94 2.02 -6.15
N THR A 190 1.61 2.32 -5.04
CA THR A 190 1.65 3.71 -4.65
C THR A 190 2.87 4.02 -3.85
N SER A 191 3.32 5.26 -3.95
CA SER A 191 4.38 5.75 -3.11
C SER A 191 4.50 7.28 -3.11
N SER A 192 5.51 7.77 -2.41
CA SER A 192 5.84 9.15 -2.38
C SER A 192 6.15 9.78 -3.74
N ALA A 193 7.08 9.19 -4.47
CA ALA A 193 7.63 9.83 -5.65
C ALA A 193 8.02 8.81 -6.67
N TYR A 194 7.75 9.09 -7.94
CA TYR A 194 8.10 8.16 -8.98
C TYR A 194 9.58 8.40 -9.45
N GLY A 195 10.02 7.69 -10.46
CA GLY A 195 11.44 7.65 -10.87
C GLY A 195 12.31 6.95 -9.84
N GLY A 196 11.74 6.00 -9.10
CA GLY A 196 12.44 5.23 -8.08
C GLY A 196 12.53 5.91 -6.73
N GLY A 197 11.82 7.03 -6.52
CA GLY A 197 11.88 7.72 -5.27
C GLY A 197 12.76 8.95 -5.26
N ALA A 198 12.54 9.81 -4.29
CA ALA A 198 13.32 11.01 -4.17
C ALA A 198 14.59 10.68 -3.36
N PRO A 199 15.77 10.88 -3.97
CA PRO A 199 17.01 10.65 -3.21
C PRO A 199 17.05 11.38 -1.90
N LEU A 200 17.45 10.63 -0.87
CA LEU A 200 17.63 11.14 0.47
C LEU A 200 16.35 11.53 1.20
N LEU A 201 15.17 11.27 0.61
CA LEU A 201 13.86 11.67 1.18
C LEU A 201 12.91 10.46 1.30
N SER A 202 12.77 9.68 0.24
CA SER A 202 11.78 8.62 0.19
C SER A 202 12.13 7.47 1.12
N ASP A 203 13.40 7.38 1.58
CA ASP A 203 13.85 6.33 2.51
C ASP A 203 14.07 6.83 3.91
N THR A 204 13.47 7.95 4.29
CA THR A 204 13.71 8.58 5.58
C THR A 204 12.45 8.64 6.46
N PHE A 205 12.62 9.08 7.70
CA PHE A 205 11.49 9.38 8.60
C PHE A 205 10.49 10.34 7.92
N ALA A 206 10.99 11.29 7.13
CA ALA A 206 10.12 12.32 6.54
C ALA A 206 9.14 11.73 5.52
N ALA A 207 9.49 10.59 4.93
CA ALA A 207 8.59 9.86 4.06
C ALA A 207 7.30 9.40 4.73
N GLY A 208 7.30 9.28 6.06
CA GLY A 208 6.22 8.74 6.75
C GLY A 208 5.01 9.61 6.81
N PHE A 209 5.18 10.93 6.68
CA PHE A 209 4.00 11.79 6.67
C PHE A 209 3.12 11.44 5.48
N MET A 210 3.69 11.34 4.28
CA MET A 210 2.97 10.93 3.12
C MET A 210 2.40 9.54 3.26
N TRP A 211 3.20 8.60 3.76
CA TRP A 211 2.70 7.22 3.83
C TRP A 211 1.52 7.11 4.79
N LEU A 212 1.64 7.64 6.00
CA LEU A 212 0.57 7.48 6.97
C LEU A 212 -0.68 8.29 6.54
N ASP A 213 -0.48 9.47 5.95
CA ASP A 213 -1.61 10.26 5.48
C ASP A 213 -2.37 9.56 4.39
N LYS A 214 -1.63 8.89 3.51
CA LYS A 214 -2.25 8.15 2.39
C LYS A 214 -3.06 6.98 2.89
N LEU A 215 -2.54 6.25 3.86
CA LEU A 215 -3.26 5.21 4.56
C LEU A 215 -4.55 5.71 5.22
N GLY A 216 -4.44 6.82 5.93
CA GLY A 216 -5.58 7.39 6.59
C GLY A 216 -6.66 7.86 5.63
N LEU A 217 -6.25 8.56 4.56
CA LEU A 217 -7.21 9.05 3.61
C LEU A 217 -7.81 7.95 2.80
N SER A 218 -6.98 7.00 2.40
CA SER A 218 -7.47 5.87 1.65
C SER A 218 -8.58 5.10 2.40
N ALA A 219 -8.35 4.84 3.67
CA ALA A 219 -9.32 4.10 4.51
C ALA A 219 -10.58 4.93 4.68
N ARG A 220 -10.37 6.22 4.96
CA ARG A 220 -11.49 7.15 5.14
C ARG A 220 -12.41 7.31 3.92
N MET A 221 -11.84 7.22 2.71
CA MET A 221 -12.53 7.50 1.50
C MET A 221 -13.05 6.27 0.80
N GLY A 222 -12.77 5.09 1.32
CA GLY A 222 -13.41 3.90 0.76
C GLY A 222 -12.50 3.02 -0.06
N ILE A 223 -11.21 3.33 -0.14
CA ILE A 223 -10.26 2.41 -0.79
C ILE A 223 -10.06 1.18 0.12
N GLU A 224 -10.15 -0.02 -0.43
CA GLU A 224 -10.13 -1.26 0.38
C GLU A 224 -8.72 -1.88 0.71
N VAL A 225 -7.76 -1.71 -0.19
CA VAL A 225 -6.37 -2.20 -0.17
C VAL A 225 -5.45 -1.14 -0.78
N VAL A 226 -4.30 -0.90 -0.13
CA VAL A 226 -3.28 0.00 -0.62
C VAL A 226 -2.00 -0.82 -0.74
N MET A 227 -1.43 -0.87 -1.93
CA MET A 227 -0.16 -1.59 -2.16
C MET A 227 1.05 -0.66 -2.29
N ARG A 228 1.93 -0.75 -1.32
CA ARG A 228 3.11 0.11 -1.18
C ARG A 228 4.22 -0.33 -2.14
N GLN A 229 4.58 0.57 -3.01
CA GLN A 229 5.82 0.50 -3.83
C GLN A 229 6.98 1.01 -2.97
N VAL A 230 7.95 0.18 -2.56
CA VAL A 230 8.15 -1.25 -2.83
C VAL A 230 8.64 -1.89 -1.52
N PHE A 231 8.39 -3.18 -1.33
CA PHE A 231 8.87 -3.82 -0.12
C PHE A 231 10.42 -3.84 -0.08
N PHE A 232 11.00 -4.23 -1.20
CA PHE A 232 12.40 -4.40 -1.38
C PHE A 232 12.69 -4.13 -2.86
N GLY A 233 13.76 -3.39 -3.13
CA GLY A 233 14.16 -3.10 -4.49
C GLY A 233 15.14 -1.96 -4.62
N ALA A 234 15.45 -1.63 -5.86
CA ALA A 234 16.48 -0.63 -6.15
C ALA A 234 16.01 0.78 -5.79
N GLY A 235 14.73 1.06 -5.91
CA GLY A 235 14.22 2.45 -5.60
C GLY A 235 14.29 2.81 -4.12
N ASN A 236 14.61 4.09 -3.86
CA ASN A 236 14.62 4.80 -2.58
C ASN A 236 13.37 4.65 -1.72
N TYR A 237 12.24 4.34 -2.36
CA TYR A 237 10.97 4.18 -1.67
C TYR A 237 10.78 2.79 -1.09
N HIS A 238 11.82 1.97 -1.12
CA HIS A 238 11.77 0.70 -0.46
C HIS A 238 11.50 0.77 1.04
N LEU A 239 10.75 -0.20 1.53
CA LEU A 239 10.60 -0.39 2.99
C LEU A 239 11.84 -0.98 3.67
N VAL A 240 12.58 -1.80 2.94
CA VAL A 240 13.74 -2.54 3.42
C VAL A 240 14.87 -2.27 2.42
N ASP A 241 16.04 -1.85 2.92
CA ASP A 241 17.15 -1.49 2.06
C ASP A 241 17.94 -2.70 1.58
N GLU A 242 18.95 -2.44 0.76
CA GLU A 242 19.71 -3.52 0.09
C GLU A 242 20.55 -4.39 1.05
N ASN A 243 20.81 -3.90 2.26
CA ASN A 243 21.38 -4.69 3.37
C ASN A 243 20.38 -5.44 4.19
N PHE A 244 19.11 -5.51 3.73
CA PHE A 244 18.03 -6.14 4.40
C PHE A 244 17.75 -5.49 5.76
N ASP A 245 17.98 -4.20 5.90
CA ASP A 245 17.64 -3.48 7.15
C ASP A 245 16.36 -2.64 6.91
N PRO A 246 15.44 -2.65 7.86
CA PRO A 246 14.20 -1.88 7.69
C PRO A 246 14.38 -0.39 7.83
N LEU A 247 13.68 0.35 6.96
CA LEU A 247 13.70 1.83 7.00
C LEU A 247 12.52 2.33 7.84
N PRO A 248 12.47 3.64 8.18
CA PRO A 248 11.41 4.10 9.04
C PRO A 248 10.00 3.71 8.57
N ASP A 249 9.74 3.80 7.27
CA ASP A 249 8.42 3.40 6.75
C ASP A 249 8.06 1.89 6.99
N TYR A 250 9.08 1.00 7.07
CA TYR A 250 8.81 -0.35 7.52
C TYR A 250 8.22 -0.36 8.92
N TRP A 251 8.84 0.36 9.84
CA TRP A 251 8.46 0.29 11.26
C TRP A 251 7.06 0.96 11.40
N LEU A 252 6.88 2.06 10.65
CA LEU A 252 5.56 2.67 10.59
C LEU A 252 4.46 1.70 10.10
N SER A 253 4.77 0.97 9.05
CA SER A 253 3.88 -0.02 8.48
C SER A 253 3.56 -1.16 9.48
N LEU A 254 4.57 -1.62 10.19
CA LEU A 254 4.39 -2.71 11.19
C LEU A 254 3.52 -2.25 12.34
N LEU A 255 3.75 -1.02 12.81
CA LEU A 255 2.87 -0.48 13.82
C LEU A 255 1.42 -0.34 13.36
N PHE A 256 1.22 0.15 12.13
CA PHE A 256 -0.10 0.31 11.56
C PHE A 256 -0.80 -1.04 11.51
N LYS A 257 -0.05 -2.02 11.06
CA LYS A 257 -0.56 -3.38 10.99
C LYS A 257 -1.01 -3.95 12.32
N LYS A 258 -0.24 -3.72 13.36
CA LYS A 258 -0.55 -4.24 14.68
C LYS A 258 -1.70 -3.55 15.38
N LEU A 259 -1.87 -2.25 15.12
CA LEU A 259 -2.78 -1.42 15.88
C LEU A 259 -4.09 -1.02 15.22
N VAL A 260 -4.08 -0.87 13.90
CA VAL A 260 -5.21 -0.26 13.21
C VAL A 260 -6.11 -1.37 12.68
N GLY A 261 -7.37 -1.33 13.06
CA GLY A 261 -8.31 -2.36 12.64
C GLY A 261 -8.98 -2.10 11.31
N THR A 262 -9.89 -3.01 10.94
CA THR A 262 -10.57 -2.92 9.64
C THR A 262 -11.75 -1.95 9.59
N LYS A 263 -12.34 -1.60 10.72
CA LYS A 263 -13.48 -0.71 10.75
C LYS A 263 -13.09 0.72 10.87
N VAL A 264 -13.45 1.52 9.89
CA VAL A 264 -12.98 2.87 9.78
C VAL A 264 -14.02 3.78 10.41
N LEU A 265 -13.58 4.71 11.28
CA LEU A 265 -14.39 5.72 11.86
C LEU A 265 -13.93 7.11 11.43
N MET A 266 -14.23 8.17 12.16
CA MET A 266 -13.82 9.49 11.74
C MET A 266 -13.41 10.31 12.94
N ALA A 267 -12.35 11.10 12.76
CA ALA A 267 -11.98 12.12 13.74
C ALA A 267 -11.77 13.41 13.04
N SER A 268 -11.97 14.52 13.78
CA SER A 268 -11.66 15.81 13.23
C SER A 268 -11.34 16.75 14.34
N VAL A 269 -10.74 17.87 13.98
CA VAL A 269 -10.37 18.88 14.97
C VAL A 269 -11.42 19.95 15.07
N GLN A 270 -11.97 20.14 16.28
CA GLN A 270 -13.04 21.12 16.55
C GLN A 270 -12.72 22.51 16.02
N GLY A 271 -11.49 22.95 16.28
CA GLY A 271 -10.99 24.24 15.75
C GLY A 271 -11.27 24.52 14.27
N SER A 272 -11.13 23.46 13.47
CA SER A 272 -11.29 23.46 11.99
C SER A 272 -10.10 24.02 11.23
N LYS A 273 -8.96 24.23 11.90
CA LYS A 273 -7.72 24.66 11.19
C LYS A 273 -7.41 23.63 10.08
N ARG A 274 -7.27 22.37 10.52
CA ARG A 274 -7.52 21.16 9.72
C ARG A 274 -6.54 20.76 8.60
N ARG A 275 -5.43 21.49 8.40
CA ARG A 275 -4.48 21.08 7.36
C ARG A 275 -3.18 20.46 7.93
N LYS A 276 -2.53 21.09 8.92
CA LYS A 276 -1.25 20.57 9.39
C LYS A 276 -1.42 19.56 10.53
N LEU A 277 -2.57 19.49 11.15
CA LEU A 277 -2.86 18.50 12.20
C LEU A 277 -3.88 17.57 11.60
N ARG A 278 -3.45 16.35 11.31
CA ARG A 278 -4.26 15.41 10.55
C ARG A 278 -4.54 14.18 11.39
N VAL A 279 -5.83 13.82 11.49
CA VAL A 279 -6.30 12.80 12.44
C VAL A 279 -7.22 11.78 11.80
N TYR A 280 -7.02 10.52 12.16
CA TYR A 280 -7.72 9.39 11.65
C TYR A 280 -8.10 8.46 12.82
N LEU A 281 -9.19 7.73 12.64
CA LEU A 281 -9.74 6.87 13.73
C LEU A 281 -10.30 5.62 13.17
N HIS A 282 -9.85 4.48 13.69
CA HIS A 282 -10.41 3.17 13.36
C HIS A 282 -10.69 2.46 14.72
N CYS A 283 -11.44 1.37 14.66
CA CYS A 283 -11.39 0.38 15.72
C CYS A 283 -9.97 -0.24 15.80
N THR A 284 -9.56 -0.59 17.01
CA THR A 284 -8.27 -1.27 17.24
C THR A 284 -8.28 -2.63 16.58
N ASN A 285 -7.14 -3.05 16.06
CA ASN A 285 -6.99 -4.38 15.46
C ASN A 285 -7.29 -5.50 16.53
N THR A 286 -8.26 -6.33 16.25
CA THR A 286 -8.70 -7.34 17.22
C THR A 286 -7.67 -8.47 17.41
N ASP A 287 -6.74 -8.62 16.47
CA ASP A 287 -5.66 -9.62 16.65
C ASP A 287 -4.54 -9.16 17.61
N ASN A 288 -4.53 -7.90 18.02
CA ASN A 288 -3.55 -7.43 18.97
C ASN A 288 -3.87 -7.99 20.37
N PRO A 289 -2.91 -8.77 20.96
CA PRO A 289 -3.29 -9.47 22.19
C PRO A 289 -3.48 -8.52 23.35
N ARG A 290 -2.84 -7.35 23.29
CA ARG A 290 -2.94 -6.42 24.37
C ARG A 290 -4.34 -5.84 24.51
N TYR A 291 -5.13 -5.79 23.44
CA TYR A 291 -6.34 -4.91 23.45
C TYR A 291 -7.59 -5.71 23.31
N LYS A 292 -8.72 -5.09 23.62
CA LYS A 292 -9.98 -5.82 23.58
C LYS A 292 -11.03 -5.19 22.67
N GLU A 293 -12.03 -5.99 22.33
CA GLU A 293 -13.12 -5.56 21.48
C GLU A 293 -13.78 -4.28 22.04
N GLY A 294 -13.91 -3.29 21.19
CA GLY A 294 -14.40 -2.00 21.63
C GLY A 294 -13.35 -0.92 21.77
N ASP A 295 -12.08 -1.28 21.75
CA ASP A 295 -11.01 -0.26 21.84
C ASP A 295 -10.86 0.49 20.49
N LEU A 296 -10.38 1.73 20.58
CA LEU A 296 -10.18 2.60 19.43
C LEU A 296 -8.71 2.88 19.21
N THR A 297 -8.31 2.98 17.93
CA THR A 297 -7.00 3.47 17.56
C THR A 297 -7.10 4.76 16.81
N LEU A 298 -6.58 5.81 17.42
CA LEU A 298 -6.43 7.10 16.82
C LEU A 298 -4.99 7.20 16.26
N TYR A 299 -4.82 7.77 15.06
CA TYR A 299 -3.48 8.12 14.59
C TYR A 299 -3.46 9.54 14.07
N ALA A 300 -2.35 10.20 14.26
CA ALA A 300 -2.27 11.63 14.01
C ALA A 300 -0.90 12.03 13.51
N ILE A 301 -0.91 13.03 12.66
CA ILE A 301 0.23 13.64 12.05
C ILE A 301 0.27 15.09 12.43
N ASN A 302 1.42 15.55 12.91
CA ASN A 302 1.60 16.98 13.22
C ASN A 302 2.67 17.61 12.33
N LEU A 303 2.22 18.41 11.38
CA LEU A 303 3.10 19.06 10.44
C LEU A 303 3.34 20.53 10.85
N HIS A 304 2.86 20.91 12.03
CA HIS A 304 3.26 22.23 12.60
C HIS A 304 4.69 22.14 13.12
N ASN A 305 5.31 23.32 13.30
CA ASN A 305 6.64 23.37 13.89
C ASN A 305 6.65 23.53 15.39
N VAL A 306 5.51 23.32 16.05
CA VAL A 306 5.42 23.22 17.51
C VAL A 306 4.60 22.04 17.92
N THR A 307 4.83 21.59 19.16
CA THR A 307 4.02 20.56 19.83
C THR A 307 2.56 20.93 19.89
N LYS A 308 1.69 20.02 19.52
CA LYS A 308 0.23 20.18 19.73
C LYS A 308 -0.26 19.19 20.77
N TYR A 309 -1.26 19.58 21.55
CA TYR A 309 -1.83 18.77 22.63
C TYR A 309 -3.26 18.44 22.32
N LEU A 310 -3.59 17.15 22.15
CA LEU A 310 -4.96 16.81 21.71
C LEU A 310 -5.82 16.40 22.89
N ARG A 311 -7.04 16.89 22.97
CA ARG A 311 -7.96 16.49 24.03
C ARG A 311 -9.05 15.57 23.46
N LEU A 312 -9.22 14.41 24.08
CA LEU A 312 -10.23 13.46 23.67
C LEU A 312 -11.60 13.92 24.11
N PRO A 313 -12.63 13.60 23.31
CA PRO A 313 -13.96 13.99 23.66
C PRO A 313 -14.64 12.99 24.61
N TYR A 314 -15.68 13.43 25.31
CA TYR A 314 -16.55 12.55 26.12
C TYR A 314 -17.16 11.49 25.19
N PRO A 315 -17.26 10.23 25.56
CA PRO A 315 -16.98 9.65 26.87
C PRO A 315 -15.59 9.04 27.04
N PHE A 316 -14.60 9.52 26.26
CA PHE A 316 -13.27 8.92 26.23
C PHE A 316 -12.24 9.72 27.00
N SER A 317 -12.65 10.86 27.58
CA SER A 317 -11.75 11.80 28.22
C SER A 317 -10.92 11.23 29.35
N ASN A 318 -11.45 10.31 30.15
CA ASN A 318 -10.68 9.72 31.28
C ASN A 318 -10.19 8.27 31.08
N LYS A 319 -10.19 7.79 29.83
CA LYS A 319 -9.78 6.42 29.58
C LYS A 319 -8.27 6.29 29.64
N GLN A 320 -7.79 5.09 29.89
CA GLN A 320 -6.37 4.83 29.79
C GLN A 320 -6.04 4.83 28.27
N VAL A 321 -5.04 5.59 27.89
CA VAL A 321 -4.51 5.66 26.52
C VAL A 321 -3.06 5.12 26.43
N ASP A 322 -2.79 4.26 25.47
CA ASP A 322 -1.44 3.81 25.16
C ASP A 322 -0.88 4.58 23.94
N LYS A 323 0.24 5.26 24.14
CA LYS A 323 0.88 6.07 23.14
C LYS A 323 1.94 5.25 22.40
N TYR A 324 2.06 5.53 21.10
CA TYR A 324 3.07 4.92 20.22
C TYR A 324 3.58 6.00 19.30
N LEU A 325 4.47 6.81 19.84
CA LEU A 325 5.00 7.98 19.21
C LEU A 325 6.33 7.67 18.54
N LEU A 326 6.42 8.01 17.25
CA LEU A 326 7.57 7.74 16.42
C LEU A 326 8.30 9.04 16.18
N ARG A 327 9.62 9.01 16.46
CA ARG A 327 10.50 10.15 16.26
C ARG A 327 11.81 9.70 15.63
N PRO A 328 12.44 10.57 14.84
CA PRO A 328 13.72 10.11 14.25
C PRO A 328 14.84 9.99 15.27
N LEU A 329 15.76 9.09 15.00
CA LEU A 329 17.02 9.01 15.77
C LEU A 329 18.01 9.96 15.13
N GLY A 330 18.67 10.79 15.93
CA GLY A 330 19.54 11.90 15.39
C GLY A 330 20.81 11.30 14.86
N PRO A 331 21.67 12.06 14.21
CA PRO A 331 21.65 13.50 14.10
C PRO A 331 20.91 14.13 12.91
N HIS A 332 20.38 13.29 12.00
CA HIS A 332 19.81 13.73 10.75
C HIS A 332 18.32 14.11 10.79
N GLY A 333 17.72 14.14 11.97
CA GLY A 333 16.36 14.70 12.13
C GLY A 333 15.41 14.00 11.18
N LEU A 334 14.65 14.80 10.41
CA LEU A 334 13.63 14.22 9.53
C LEU A 334 14.25 13.40 8.41
N LEU A 335 15.55 13.64 8.13
CA LEU A 335 16.24 12.90 7.07
C LEU A 335 16.93 11.64 7.58
N SER A 336 16.59 11.25 8.79
CA SER A 336 17.14 10.03 9.43
C SER A 336 16.55 8.76 8.84
N LYS A 337 17.38 7.72 8.75
CA LYS A 337 16.94 6.41 8.40
C LYS A 337 16.72 5.49 9.59
N SER A 338 16.74 6.05 10.79
CA SER A 338 16.45 5.29 11.99
C SER A 338 15.34 6.00 12.79
N VAL A 339 14.57 5.23 13.49
CA VAL A 339 13.42 5.73 14.24
C VAL A 339 13.35 5.15 15.64
N GLN A 340 12.85 5.99 16.55
CA GLN A 340 12.53 5.56 17.89
C GLN A 340 11.04 5.53 18.18
N LEU A 341 10.64 4.52 18.93
CA LEU A 341 9.29 4.37 19.40
C LEU A 341 9.27 4.69 20.87
N ASN A 342 8.61 5.78 21.26
CA ASN A 342 8.51 6.22 22.66
C ASN A 342 9.95 6.26 23.30
N GLY A 343 10.91 6.79 22.55
CA GLY A 343 12.30 6.98 23.00
C GLY A 343 13.24 5.76 22.87
N LEU A 344 12.78 4.63 22.35
CA LEU A 344 13.60 3.41 22.13
C LEU A 344 13.77 3.15 20.61
N THR A 345 15.04 3.07 20.17
CA THR A 345 15.39 2.79 18.75
C THR A 345 14.79 1.44 18.30
N LEU A 346 14.10 1.43 17.17
CA LEU A 346 13.59 0.18 16.63
C LEU A 346 14.63 -0.50 15.80
N LYS A 347 14.90 -1.75 16.15
CA LYS A 347 15.97 -2.51 15.54
C LYS A 347 15.59 -3.96 15.66
N MET A 348 15.99 -4.76 14.69
N MET A 348 15.97 -4.77 14.68
CA MET A 348 15.77 -6.21 14.78
CA MET A 348 15.71 -6.21 14.78
C MET A 348 16.50 -6.78 16.00
C MET A 348 16.50 -6.82 15.94
N VAL A 349 15.89 -7.76 16.68
CA VAL A 349 16.56 -8.45 17.83
C VAL A 349 17.65 -9.39 17.29
N ASP A 350 17.29 -10.17 16.27
CA ASP A 350 18.25 -10.85 15.44
C ASP A 350 17.56 -11.04 14.09
N ASP A 351 18.15 -11.78 13.16
CA ASP A 351 17.55 -12.01 11.81
C ASP A 351 16.20 -12.73 11.74
N GLN A 352 15.84 -13.41 12.82
CA GLN A 352 14.56 -14.09 12.93
C GLN A 352 13.59 -13.42 13.87
N THR A 353 13.93 -12.29 14.49
CA THR A 353 13.09 -11.81 15.57
C THR A 353 12.83 -10.30 15.51
N LEU A 354 11.58 -9.91 15.23
CA LEU A 354 11.17 -8.51 15.34
C LEU A 354 11.15 -8.11 16.80
N PRO A 355 11.41 -6.85 17.10
CA PRO A 355 11.38 -6.43 18.47
C PRO A 355 9.96 -6.32 18.99
N PRO A 356 9.75 -6.31 20.32
CA PRO A 356 8.41 -5.96 20.78
C PRO A 356 8.18 -4.47 20.54
N LEU A 357 6.93 -4.07 20.44
CA LEU A 357 6.59 -2.69 20.14
C LEU A 357 5.97 -2.13 21.40
N MET A 358 6.80 -1.48 22.20
CA MET A 358 6.42 -1.12 23.55
C MET A 358 5.63 0.19 23.59
N GLU A 359 4.43 0.11 24.15
CA GLU A 359 3.58 1.29 24.42
C GLU A 359 4.09 2.15 25.57
N LYS A 360 3.63 3.40 25.63
CA LYS A 360 3.85 4.26 26.76
C LYS A 360 2.45 4.57 27.29
N PRO A 361 2.08 4.02 28.47
CA PRO A 361 0.77 4.38 29.03
C PRO A 361 0.73 5.80 29.50
N LEU A 362 -0.31 6.53 29.18
CA LEU A 362 -0.39 7.91 29.62
C LEU A 362 -1.23 8.02 30.89
N ARG A 363 -1.10 9.14 31.58
CA ARG A 363 -1.93 9.36 32.76
C ARG A 363 -3.39 9.56 32.29
N PRO A 364 -4.35 8.78 32.84
CA PRO A 364 -5.76 8.98 32.45
C PRO A 364 -6.16 10.45 32.59
N GLY A 365 -6.94 10.95 31.64
CA GLY A 365 -7.31 12.36 31.60
C GLY A 365 -6.27 13.31 31.03
N SER A 366 -5.02 12.88 30.74
CA SER A 366 -4.07 13.82 30.16
C SER A 366 -4.37 14.06 28.68
N SER A 367 -3.93 15.20 28.20
CA SER A 367 -4.06 15.52 26.79
C SER A 367 -2.94 14.76 26.07
N LEU A 368 -3.17 14.47 24.79
CA LEU A 368 -2.25 13.66 23.99
C LEU A 368 -1.20 14.57 23.34
N GLY A 369 0.05 14.46 23.81
CA GLY A 369 1.14 15.23 23.28
C GLY A 369 1.66 14.79 21.91
N LEU A 370 1.74 15.71 20.95
CA LEU A 370 2.24 15.35 19.61
C LEU A 370 3.29 16.35 19.17
N PRO A 371 4.57 16.00 19.29
CA PRO A 371 5.62 16.99 18.94
C PRO A 371 5.59 17.44 17.52
N ALA A 372 6.21 18.57 17.26
CA ALA A 372 6.39 19.07 15.90
C ALA A 372 6.94 18.00 14.99
N PHE A 373 6.43 17.97 13.77
CA PHE A 373 6.89 17.08 12.72
C PHE A 373 7.02 15.65 13.24
N SER A 374 5.90 15.12 13.72
CA SER A 374 5.90 13.77 14.22
C SER A 374 4.56 13.11 13.86
N TYR A 375 4.50 11.81 14.06
CA TYR A 375 3.25 11.03 13.96
C TYR A 375 3.21 10.01 15.10
N SER A 376 2.00 9.65 15.52
CA SER A 376 1.75 8.78 16.65
C SER A 376 0.46 8.02 16.52
N PHE A 377 0.43 6.81 17.12
CA PHE A 377 -0.80 6.10 17.31
C PHE A 377 -1.13 6.21 18.81
N PHE A 378 -2.42 6.21 19.11
CA PHE A 378 -2.95 6.26 20.47
C PHE A 378 -4.06 5.23 20.55
N VAL A 379 -3.92 4.22 21.41
CA VAL A 379 -4.95 3.26 21.61
C VAL A 379 -5.74 3.66 22.87
N ILE A 380 -7.02 3.83 22.68
CA ILE A 380 -7.94 4.18 23.77
C ILE A 380 -8.51 2.88 24.32
N ARG A 381 -8.03 2.52 25.50
CA ARG A 381 -8.41 1.26 26.17
C ARG A 381 -9.75 1.32 26.85
N ASN A 382 -10.45 0.19 26.85
CA ASN A 382 -11.79 0.10 27.41
C ASN A 382 -12.71 1.18 26.86
N ALA A 383 -12.55 1.50 25.57
CA ALA A 383 -13.39 2.54 24.98
C ALA A 383 -14.83 2.03 24.91
N LYS A 384 -15.01 0.70 24.86
CA LYS A 384 -16.36 0.07 24.78
C LYS A 384 -17.26 0.62 23.65
N VAL A 385 -16.68 0.83 22.47
CA VAL A 385 -17.43 1.35 21.31
C VAL A 385 -18.19 0.21 20.67
N ALA A 386 -19.51 0.30 20.67
CA ALA A 386 -20.38 -0.80 20.19
C ALA A 386 -20.14 -1.13 18.77
N ALA A 387 -19.93 -0.12 17.92
CA ALA A 387 -19.54 -0.32 16.53
C ALA A 387 -18.27 -1.14 16.32
N CYS A 388 -17.39 -1.24 17.31
CA CYS A 388 -16.15 -2.02 17.22
C CYS A 388 -16.24 -3.42 17.85
N ILE A 389 -17.44 -3.87 18.16
CA ILE A 389 -17.64 -5.24 18.69
C ILE A 389 -18.53 -5.96 17.67
N GLN B 4 -2.16 29.53 21.30
CA GLN B 4 -2.38 28.33 22.19
C GLN B 4 -2.39 27.04 21.37
N ASP B 5 -1.93 25.96 22.00
CA ASP B 5 -1.56 24.73 21.28
C ASP B 5 -2.39 23.49 21.67
N VAL B 6 -3.52 23.68 22.39
CA VAL B 6 -4.43 22.59 22.82
C VAL B 6 -5.64 22.50 21.90
N VAL B 7 -5.92 21.32 21.39
CA VAL B 7 -6.91 21.16 20.34
C VAL B 7 -7.88 20.08 20.76
N ASP B 8 -9.15 20.35 20.55
CA ASP B 8 -10.20 19.43 20.89
C ASP B 8 -10.56 18.55 19.68
N LEU B 9 -10.61 17.24 19.91
CA LEU B 9 -11.02 16.31 18.84
C LEU B 9 -12.53 16.01 18.96
N ASP B 10 -13.15 15.75 17.81
CA ASP B 10 -14.50 15.21 17.72
C ASP B 10 -14.40 13.85 17.01
N PHE B 11 -15.10 12.87 17.53
CA PHE B 11 -15.06 11.48 17.04
C PHE B 11 -16.46 11.07 16.55
N PHE B 12 -16.54 10.46 15.38
CA PHE B 12 -17.75 9.77 14.94
C PHE B 12 -17.53 8.33 15.21
N THR B 13 -18.35 7.72 16.07
CA THR B 13 -18.21 6.34 16.52
C THR B 13 -19.47 5.47 16.45
N GLN B 14 -20.55 5.99 15.89
CA GLN B 14 -21.84 5.28 15.89
C GLN B 14 -21.85 4.02 15.07
N GLU B 15 -21.17 4.05 13.93
CA GLU B 15 -21.11 2.87 13.05
C GLU B 15 -19.87 2.95 12.18
N PRO B 16 -19.38 1.81 11.69
CA PRO B 16 -18.24 1.94 10.77
C PRO B 16 -18.63 2.64 9.48
N LEU B 17 -17.79 3.54 9.03
CA LEU B 17 -18.02 4.27 7.82
C LEU B 17 -17.60 3.48 6.64
N HIS B 18 -16.55 2.69 6.78
CA HIS B 18 -16.08 1.76 5.77
C HIS B 18 -15.43 0.60 6.48
N LEU B 19 -15.29 -0.49 5.73
CA LEU B 19 -14.56 -1.66 6.18
C LEU B 19 -13.40 -1.89 5.18
N VAL B 20 -12.16 -1.90 5.66
CA VAL B 20 -11.03 -2.16 4.80
C VAL B 20 -10.71 -3.63 4.88
N SER B 21 -9.95 -4.12 3.93
CA SER B 21 -9.51 -5.52 4.02
C SER B 21 -8.60 -5.71 5.23
N PRO B 22 -8.54 -6.94 5.80
CA PRO B 22 -7.46 -7.30 6.71
C PRO B 22 -6.08 -7.10 6.10
N SER B 23 -5.98 -7.19 4.76
CA SER B 23 -4.75 -6.92 4.01
C SER B 23 -4.65 -5.46 3.50
N PHE B 24 -5.35 -4.54 4.14
CA PHE B 24 -5.35 -3.16 3.72
C PHE B 24 -3.97 -2.61 3.40
N LEU B 25 -2.99 -2.82 4.29
CA LEU B 25 -1.65 -2.38 4.06
C LEU B 25 -0.92 -3.54 3.39
N SER B 26 -0.81 -3.44 2.07
CA SER B 26 -0.12 -4.43 1.27
C SER B 26 1.16 -3.82 0.62
N VAL B 27 1.91 -4.65 -0.10
CA VAL B 27 3.21 -4.24 -0.65
C VAL B 27 3.44 -4.80 -2.05
N THR B 28 4.41 -4.23 -2.74
CA THR B 28 4.79 -4.72 -4.03
C THR B 28 6.24 -5.22 -4.03
N ILE B 29 6.54 -6.00 -5.06
CA ILE B 29 7.91 -6.26 -5.51
C ILE B 29 7.90 -5.86 -7.00
N ASP B 30 8.79 -4.98 -7.39
CA ASP B 30 8.80 -4.53 -8.78
C ASP B 30 9.30 -5.63 -9.75
N ALA B 31 8.60 -5.77 -10.87
CA ALA B 31 8.99 -6.69 -11.96
C ALA B 31 10.46 -6.58 -12.31
N ASN B 32 10.98 -5.37 -12.26
CA ASN B 32 12.37 -5.12 -12.57
C ASN B 32 13.34 -5.97 -11.75
N LEU B 33 12.94 -6.35 -10.52
CA LEU B 33 13.82 -7.13 -9.64
C LEU B 33 14.10 -8.51 -10.19
N ALA B 34 13.16 -9.08 -10.92
CA ALA B 34 13.39 -10.41 -11.54
C ALA B 34 14.44 -10.37 -12.69
N THR B 35 14.93 -9.20 -13.09
CA THR B 35 16.05 -9.12 -14.04
C THR B 35 17.40 -9.04 -13.31
N ASP B 36 17.40 -8.96 -11.99
CA ASP B 36 18.64 -8.91 -11.24
C ASP B 36 19.20 -10.33 -11.14
N PRO B 37 20.51 -10.51 -11.53
CA PRO B 37 21.16 -11.80 -11.41
C PRO B 37 21.01 -12.51 -10.07
N ARG B 38 20.84 -11.76 -8.99
CA ARG B 38 20.79 -12.31 -7.64
C ARG B 38 19.37 -12.45 -7.02
N PHE B 39 18.35 -12.47 -7.88
CA PHE B 39 16.94 -12.55 -7.45
C PHE B 39 16.74 -13.68 -6.44
N LEU B 40 17.34 -14.84 -6.72
CA LEU B 40 17.16 -16.01 -5.84
C LEU B 40 17.82 -15.77 -4.49
N ILE B 41 18.99 -15.13 -4.47
CA ILE B 41 19.64 -14.82 -3.20
C ILE B 41 18.76 -13.85 -2.41
N LEU B 42 18.33 -12.80 -3.09
CA LEU B 42 17.53 -11.71 -2.46
C LEU B 42 16.27 -12.20 -1.76
N LEU B 43 15.39 -12.86 -2.51
CA LEU B 43 14.15 -13.36 -1.98
C LEU B 43 14.30 -14.65 -1.15
N GLY B 44 15.48 -15.31 -1.20
CA GLY B 44 15.77 -16.38 -0.26
C GLY B 44 16.17 -15.92 1.13
N SER B 45 16.49 -14.62 1.30
CA SER B 45 17.05 -14.12 2.56
C SER B 45 16.12 -14.45 3.70
N PRO B 46 16.61 -15.16 4.73
CA PRO B 46 15.69 -15.40 5.85
C PRO B 46 15.36 -14.12 6.62
N LYS B 47 16.25 -13.14 6.57
CA LYS B 47 15.98 -11.89 7.24
C LYS B 47 14.79 -11.15 6.56
N LEU B 48 14.70 -11.24 5.24
CA LEU B 48 13.70 -10.51 4.48
C LEU B 48 12.38 -11.21 4.67
N ARG B 49 12.42 -12.54 4.81
CA ARG B 49 11.20 -13.24 5.08
C ARG B 49 10.66 -12.90 6.43
N THR B 50 11.50 -12.73 7.43
CA THR B 50 11.05 -12.35 8.76
C THR B 50 10.36 -10.98 8.74
N LEU B 51 11.01 -10.05 8.05
CA LEU B 51 10.41 -8.69 7.87
C LEU B 51 9.07 -8.81 7.14
N ALA B 52 9.03 -9.59 6.07
CA ALA B 52 7.75 -9.76 5.35
C ALA B 52 6.64 -10.35 6.14
N ARG B 53 6.96 -11.37 6.96
CA ARG B 53 5.97 -12.02 7.85
C ARG B 53 5.34 -11.04 8.80
N GLY B 54 6.11 -10.04 9.21
CA GLY B 54 5.58 -9.00 10.10
C GLY B 54 4.41 -8.23 9.50
N LEU B 55 4.32 -8.17 8.16
CA LEU B 55 3.23 -7.40 7.53
C LEU B 55 2.11 -8.30 7.13
N SER B 56 2.23 -9.60 7.37
CA SER B 56 1.11 -10.53 7.12
C SER B 56 -0.13 -10.24 8.02
N PRO B 57 -1.38 -10.32 7.56
CA PRO B 57 -1.77 -10.69 6.23
C PRO B 57 -1.62 -9.49 5.27
N ALA B 58 -1.23 -9.81 4.04
CA ALA B 58 -1.06 -8.81 3.01
C ALA B 58 -0.99 -9.48 1.69
N TYR B 59 -1.34 -8.71 0.68
CA TYR B 59 -1.01 -9.02 -0.69
C TYR B 59 0.42 -8.64 -1.00
N LEU B 60 1.06 -9.45 -1.84
CA LEU B 60 2.32 -9.09 -2.43
C LEU B 60 2.05 -9.00 -3.93
N ARG B 61 2.16 -7.80 -4.49
CA ARG B 61 1.94 -7.61 -5.90
C ARG B 61 3.25 -7.55 -6.67
N PHE B 62 3.43 -8.47 -7.62
CA PHE B 62 4.59 -8.50 -8.48
C PHE B 62 4.29 -7.84 -9.82
N GLY B 63 4.82 -6.65 -10.02
CA GLY B 63 4.49 -5.91 -11.24
C GLY B 63 5.23 -4.59 -11.28
N GLY B 64 5.08 -3.85 -12.35
CA GLY B 64 5.74 -2.53 -12.48
C GLY B 64 5.85 -2.34 -13.96
N THR B 65 6.62 -1.35 -14.37
CA THR B 65 6.77 -1.07 -15.79
C THR B 65 7.20 -2.32 -16.58
N LYS B 66 8.15 -3.07 -16.02
CA LYS B 66 8.70 -4.25 -16.69
C LYS B 66 7.68 -5.38 -16.89
N THR B 67 6.51 -5.29 -16.26
CA THR B 67 5.43 -6.29 -16.45
C THR B 67 5.19 -6.58 -17.91
N ASP B 68 5.22 -5.52 -18.70
CA ASP B 68 4.87 -5.60 -20.08
C ASP B 68 6.09 -5.82 -21.01
N PHE B 69 7.24 -6.15 -20.44
CA PHE B 69 8.46 -6.50 -21.17
C PHE B 69 9.03 -7.79 -20.62
N LEU B 70 8.23 -8.59 -19.95
CA LEU B 70 8.71 -9.87 -19.44
C LEU B 70 7.95 -10.99 -20.10
N ILE B 71 8.70 -11.98 -20.56
CA ILE B 71 8.12 -13.18 -21.21
C ILE B 71 8.56 -14.43 -20.43
N PHE B 72 7.60 -15.32 -20.15
CA PHE B 72 7.90 -16.59 -19.47
C PHE B 72 8.57 -17.48 -20.53
N ASP B 73 9.69 -18.05 -20.17
CA ASP B 73 10.42 -19.01 -21.02
C ASP B 73 10.64 -20.28 -20.21
N PRO B 74 9.78 -21.30 -20.42
CA PRO B 74 9.85 -22.57 -19.66
C PRO B 74 11.14 -23.42 -19.83
N LYS B 75 11.98 -23.13 -20.83
CA LYS B 75 13.25 -23.87 -21.01
C LYS B 75 14.44 -23.31 -20.24
N LYS B 76 14.49 -21.98 -20.06
CA LYS B 76 15.61 -21.27 -19.39
C LYS B 76 15.89 -21.83 -17.97
N GLU B 77 17.16 -21.80 -17.56
CA GLU B 77 17.56 -22.37 -16.26
C GLU B 77 17.54 -21.32 -15.15
O4 5KV C . 5.23 4.12 -13.14
C3 5KV C . 6.38 5.84 -14.37
C4 5KV C . 5.47 5.55 -13.16
C5 5KV C . 4.22 6.42 -13.36
C2 5KV C . 6.76 7.33 -14.35
C1 5KV C . 5.46 8.09 -14.59
O5 5KV C . 4.59 7.81 -13.49
O1 5KV C . 5.69 9.50 -14.71
N2 5KV C . 7.84 7.67 -15.33
O3 5KV C . 7.57 5.06 -14.37
C6 5KV C . 3.17 6.42 -12.24
O6 5KV C . 1.95 7.00 -12.73
S33 5KV C . 0.96 7.86 -11.87
S34 5KV C . 9.38 7.69 -14.79
O35 5KV C . 9.62 6.57 -13.86
O36 5KV C . 9.74 8.97 -14.14
O37 5KV C . 10.29 7.51 -15.94
O38 5KV C . 0.21 6.97 -10.99
O39 5KV C . 1.73 8.78 -11.01
O40 5KV C . 0.05 8.62 -12.78
C1 IDR C . 5.53 3.28 -11.99
C2 IDR C . 5.94 1.85 -12.41
C3 IDR C . 7.17 1.27 -11.65
C4 IDR C . 8.38 2.22 -11.71
C5 IDR C . 7.87 3.66 -11.58
C6 IDR C . 8.73 4.63 -10.85
O2 IDR C . 4.77 0.99 -12.34
O3 IDR C . 7.71 0.07 -12.22
O4 IDR C . 9.45 1.85 -10.80
O5 IDR C . 6.53 3.76 -11.09
O6A IDR C . 9.09 5.59 -11.55
O6B IDR C . 9.05 4.51 -9.67
C1 SGN C . 10.58 1.11 -11.37
C2 SGN C . 11.74 0.89 -10.37
C3 SGN C . 12.62 2.16 -10.20
C4 SGN C . 13.00 2.80 -11.57
C5 SGN C . 11.69 3.04 -12.30
C6 SGN C . 11.85 3.82 -13.59
N2 SGN C . 11.17 0.43 -9.07
O3 SGN C . 13.82 1.87 -9.47
O4 SGN C . 13.71 4.05 -11.47
O5 SGN C . 11.07 1.76 -12.55
O6 SGN C . 12.72 3.11 -14.46
S1 SGN C . 12.06 -0.63 -8.18
O1S SGN C . 12.61 -1.64 -9.17
O2S SGN C . 11.30 -1.25 -7.09
O3S SGN C . 13.09 0.01 -7.39
S2 SGN C . 12.95 3.66 -15.88
O4S SGN C . 13.67 2.64 -16.70
O5S SGN C . 11.64 3.93 -16.52
O6S SGN C . 13.71 4.93 -15.83
S UAP C . 14.67 7.44 -13.86
C1 UAP C . 14.94 4.13 -12.24
C2 UAP C . 15.49 5.57 -12.33
O2 UAP C . 15.34 6.08 -13.65
C3 UAP C . 16.98 5.72 -12.05
O3 UAP C . 17.34 7.11 -12.03
C4 UAP C . 17.19 5.11 -10.71
C5 UAP C . 16.62 3.92 -10.53
O5 UAP C . 15.93 3.27 -11.64
C6 UAP C . 16.62 3.30 -9.24
O1S UAP C . 15.18 8.43 -12.88
O2S UAP C . 13.21 7.27 -13.68
O3S UAP C . 14.97 7.92 -15.24
O6B UAP C . 15.95 3.84 -8.34
O6A UAP C . 17.26 2.23 -9.12
C1 NAG D . 1.08 -15.79 -30.24
C2 NAG D . 0.73 -16.20 -31.69
C3 NAG D . 1.49 -17.48 -32.11
C4 NAG D . 2.98 -17.28 -31.84
C5 NAG D . 3.13 -17.07 -30.32
C6 NAG D . 4.57 -17.09 -29.80
C7 NAG D . -1.55 -15.59 -32.52
C8 NAG D . -3.02 -15.93 -32.40
N2 NAG D . -0.74 -16.36 -31.76
O3 NAG D . 1.26 -17.86 -33.48
O4 NAG D . 3.77 -18.37 -32.37
O5 NAG D . 2.49 -15.83 -29.99
O6 NAG D . 5.22 -15.81 -29.88
O7 NAG D . -1.15 -14.69 -33.26
C1 NAG E . -10.44 0.37 -29.93
C2 NAG E . -11.40 0.98 -30.94
C3 NAG E . -11.91 -0.02 -31.99
C4 NAG E . -10.72 -0.83 -32.56
C5 NAG E . -9.94 -1.46 -31.38
C6 NAG E . -8.80 -2.41 -31.75
C7 NAG E . -12.75 2.90 -30.21
C8 NAG E . -13.91 3.40 -29.40
N2 NAG E . -12.51 1.59 -30.21
O3 NAG E . -12.64 0.72 -32.99
O4 NAG E . -11.12 -1.81 -33.55
O5 NAG E . -9.42 -0.38 -30.59
O6 NAG E . -7.71 -1.69 -32.35
O7 NAG E . -12.06 3.68 -30.83
C1 NAG F . 7.29 28.31 12.91
C2 NAG F . 8.53 28.95 13.57
C3 NAG F . 8.42 30.48 13.54
C4 NAG F . 8.44 30.87 12.07
C5 NAG F . 7.18 30.31 11.39
C6 NAG F . 7.23 30.62 9.90
C7 NAG F . 9.59 27.70 15.42
C8 NAG F . 9.40 27.31 16.87
N2 NAG F . 8.61 28.47 14.93
O3 NAG F . 9.42 31.17 14.31
O4 NAG F . 8.54 32.29 11.92
O5 NAG F . 7.01 28.88 11.61
O6 NAG F . 6.45 31.79 9.64
O7 NAG F . 10.57 27.32 14.79
CL CL G . -2.45 25.38 8.45
S SO4 H . 18.10 -3.82 11.81
O1 SO4 H . 18.54 -2.74 10.89
O2 SO4 H . 18.11 -5.11 11.05
O3 SO4 H . 16.77 -3.53 12.38
O4 SO4 H . 19.08 -3.89 12.93
#